data_6EFI
#
_entry.id   6EFI
#
_cell.length_a   59.624
_cell.length_b   59.579
_cell.length_c   61.832
_cell.angle_alpha   90.00
_cell.angle_beta   100.74
_cell.angle_gamma   90.00
#
_symmetry.space_group_name_H-M   'P 1 21 1'
#
loop_
_entity.id
_entity.type
_entity.pdbx_description
1 polymer 'KxYKxGKxW signal domain protein'
2 non-polymer 'CALCIUM ION'
3 non-polymer 'COBALT (II) ION'
4 non-polymer GLYCEROL
5 non-polymer 1,2-ETHANEDIOL
6 water water
#
_entity_poly.entity_id   1
_entity_poly.type   'polypeptide(L)'
_entity_poly.pdbx_seq_one_letter_code
;GPGSDVANAVDTEAPQVKTGDYVVYRGESFEFYAEITDNSGQVNDVVVRNVELDKKTSQPYLTPGFIKFSTDNLGLPGNA
TVQNPLRTKIFGTVPLNEGIGYYTRYVVPTDSNGNTTRMVQNDNRNGLERFIITIKTQNEKYNPADPAITYVNQLSNLSQ
AERDAVAAAVRTANPQIPAAARITVSANGTVTITYPDSSTDTIPADRVVKDLAS
;
_entity_poly.pdbx_strand_id   A,B
#
# COMPACT_ATOMS: atom_id res chain seq x y z
N VAL A 10 41.42 -27.86 -4.21
CA VAL A 10 40.30 -28.44 -3.48
C VAL A 10 39.41 -27.31 -2.95
N ASP A 11 38.10 -27.54 -2.96
CA ASP A 11 37.13 -26.54 -2.53
C ASP A 11 37.07 -26.50 -1.01
N THR A 12 37.57 -25.42 -0.42
CA THR A 12 37.52 -25.21 1.02
C THR A 12 36.60 -24.05 1.39
N GLU A 13 35.90 -23.48 0.42
CA GLU A 13 35.08 -22.29 0.63
C GLU A 13 33.61 -22.69 0.77
N ALA A 14 32.97 -22.20 1.82
CA ALA A 14 31.58 -22.56 2.07
C ALA A 14 30.65 -21.70 1.22
N PRO A 15 29.39 -22.11 1.06
CA PRO A 15 28.41 -21.26 0.36
C PRO A 15 28.22 -19.93 1.08
N GLN A 16 27.84 -18.92 0.33
CA GLN A 16 27.55 -17.62 0.92
C GLN A 16 26.07 -17.30 0.75
N VAL A 17 25.51 -16.61 1.75
CA VAL A 17 24.07 -16.45 1.89
C VAL A 17 23.74 -14.98 2.04
N LYS A 18 22.62 -14.56 1.43
CA LYS A 18 22.03 -13.26 1.66
C LYS A 18 20.58 -13.44 2.08
N THR A 19 20.20 -12.82 3.21
CA THR A 19 18.83 -12.90 3.70
C THR A 19 18.32 -11.47 3.81
N GLY A 20 17.94 -11.04 5.02
CA GLY A 20 17.41 -9.71 5.22
C GLY A 20 16.95 -9.54 6.65
N ASP A 21 16.16 -8.49 6.88
CA ASP A 21 15.49 -8.21 8.15
C ASP A 21 14.00 -8.46 7.93
N TYR A 22 13.48 -9.53 8.48
CA TYR A 22 12.15 -10.00 8.15
C TYR A 22 11.14 -9.59 9.22
N VAL A 23 9.99 -9.11 8.78
CA VAL A 23 8.89 -8.76 9.67
C VAL A 23 7.68 -9.61 9.30
N VAL A 24 7.09 -10.27 10.28
CA VAL A 24 5.87 -11.05 10.10
C VAL A 24 4.84 -10.61 11.13
N TYR A 25 3.59 -11.00 10.88
CA TYR A 25 2.45 -10.52 11.66
C TYR A 25 1.57 -11.70 12.07
N ARG A 26 1.13 -11.68 13.33
CA ARG A 26 0.25 -12.73 13.82
C ARG A 26 -1.00 -12.83 12.97
N GLY A 27 -1.40 -14.06 12.66
CA GLY A 27 -2.55 -14.32 11.83
C GLY A 27 -2.34 -14.12 10.34
N GLU A 28 -1.10 -13.79 9.95
CA GLU A 28 -0.86 -13.51 8.51
C GLU A 28 0.27 -14.40 7.96
N SER A 29 0.15 -14.77 6.69
CA SER A 29 1.14 -15.58 6.00
C SER A 29 2.25 -14.70 5.43
N PHE A 30 3.41 -15.33 5.21
CA PHE A 30 4.61 -14.62 4.78
C PHE A 30 5.45 -15.55 3.92
N GLU A 31 6.31 -14.96 3.09
CA GLU A 31 7.35 -15.75 2.43
C GLU A 31 8.51 -14.84 2.07
N PHE A 32 9.71 -15.32 2.34
CA PHE A 32 10.95 -14.63 2.03
C PHE A 32 11.88 -15.59 1.31
N TYR A 33 12.85 -15.05 0.60
CA TYR A 33 13.77 -15.87 -0.18
C TYR A 33 15.20 -15.50 0.18
N ALA A 34 15.94 -16.47 0.70
CA ALA A 34 17.38 -16.32 0.88
C ALA A 34 18.09 -16.65 -0.43
N GLU A 35 19.13 -15.89 -0.74
CA GLU A 35 19.93 -16.11 -1.94
C GLU A 35 21.26 -16.76 -1.57
N ILE A 36 21.60 -17.85 -2.24
CA ILE A 36 22.73 -18.68 -1.88
C ILE A 36 23.59 -18.91 -3.12
N THR A 37 24.91 -18.77 -2.98
CA THR A 37 25.83 -19.09 -4.06
C THR A 37 27.00 -19.89 -3.50
N ASP A 38 27.68 -20.62 -4.38
CA ASP A 38 28.90 -21.32 -4.02
C ASP A 38 29.89 -21.21 -5.15
N ASN A 39 31.18 -21.15 -4.80
CA ASN A 39 32.22 -21.04 -5.82
C ASN A 39 32.23 -22.27 -6.73
N SER A 40 31.84 -23.43 -6.21
CA SER A 40 31.72 -24.62 -7.05
C SER A 40 30.49 -24.58 -7.92
N GLY A 41 29.51 -23.73 -7.59
CA GLY A 41 28.29 -23.63 -8.35
C GLY A 41 27.20 -24.59 -7.96
N GLN A 42 27.47 -25.47 -7.01
CA GLN A 42 26.51 -26.51 -6.63
C GLN A 42 26.34 -26.58 -5.12
N VAL A 43 25.08 -26.49 -4.67
CA VAL A 43 24.71 -26.60 -3.22
C VAL A 43 23.87 -27.88 -3.09
N ASN A 44 24.22 -28.75 -2.17
CA ASN A 44 23.51 -30.05 -2.02
C ASN A 44 22.42 -30.03 -0.97
N ASP A 45 22.52 -29.11 -0.01
CA ASP A 45 21.49 -29.10 1.04
C ASP A 45 21.42 -27.72 1.67
N VAL A 46 20.25 -27.39 2.14
CA VAL A 46 20.10 -26.14 2.90
C VAL A 46 19.17 -26.44 4.06
N VAL A 47 19.61 -26.07 5.26
CA VAL A 47 18.79 -26.22 6.48
C VAL A 47 18.66 -24.85 7.12
N VAL A 48 17.44 -24.47 7.45
CA VAL A 48 17.18 -23.24 8.25
C VAL A 48 17.02 -23.74 9.69
N ARG A 49 17.74 -23.16 10.61
CA ARG A 49 17.81 -23.77 11.93
C ARG A 49 18.18 -22.76 13.00
N ASN A 50 17.80 -23.08 14.24
CA ASN A 50 18.42 -22.50 15.42
C ASN A 50 19.91 -22.83 15.42
N VAL A 51 20.71 -21.99 16.06
CA VAL A 51 22.13 -22.32 16.14
C VAL A 51 22.35 -23.51 17.05
N GLU A 52 21.59 -23.59 18.15
CA GLU A 52 21.73 -24.66 19.12
C GLU A 52 20.93 -25.88 18.71
N LEU A 53 21.36 -27.05 19.17
CA LEU A 53 20.63 -28.27 18.88
C LEU A 53 19.40 -28.38 19.78
N ASP A 54 18.45 -29.19 19.35
CA ASP A 54 17.24 -29.45 20.16
C ASP A 54 17.64 -30.32 21.36
N LYS A 55 17.42 -29.87 22.59
CA LYS A 55 17.66 -30.64 23.84
C LYS A 55 17.09 -32.07 23.77
N LYS A 56 15.88 -32.23 23.22
CA LYS A 56 15.15 -33.53 23.11
C LYS A 56 15.75 -34.46 22.06
N THR A 57 16.51 -33.98 21.08
CA THR A 57 17.02 -34.91 20.04
C THR A 57 18.51 -34.74 19.76
N SER A 58 19.14 -33.72 20.31
CA SER A 58 20.52 -33.38 19.94
C SER A 58 20.68 -33.32 18.42
N GLN A 59 19.64 -32.87 17.75
CA GLN A 59 19.58 -32.71 16.31
C GLN A 59 19.16 -31.29 16.00
N PRO A 60 19.41 -30.78 14.79
CA PRO A 60 19.00 -29.44 14.44
C PRO A 60 17.47 -29.31 14.47
N TYR A 61 17.03 -28.10 14.69
CA TYR A 61 15.59 -27.78 14.68
C TYR A 61 15.41 -26.28 14.44
N LEU A 62 14.17 -25.89 14.33
CA LEU A 62 13.88 -24.48 14.05
C LEU A 62 12.63 -24.09 14.82
N THR A 63 12.82 -23.13 15.72
CA THR A 63 11.73 -22.54 16.44
C THR A 63 11.70 -21.03 16.16
N PRO A 64 10.54 -20.38 16.31
CA PRO A 64 9.19 -20.92 16.54
C PRO A 64 8.77 -21.90 15.45
N GLY A 65 7.92 -22.86 15.82
CA GLY A 65 7.53 -23.90 14.89
C GLY A 65 6.80 -23.42 13.65
N PHE A 66 6.29 -22.18 13.65
CA PHE A 66 5.57 -21.73 12.46
C PHE A 66 6.51 -21.45 11.29
N ILE A 67 7.81 -21.32 11.52
CA ILE A 67 8.72 -21.03 10.41
C ILE A 67 8.98 -22.31 9.62
N LYS A 68 8.70 -22.28 8.33
CA LYS A 68 8.95 -23.38 7.41
C LYS A 68 9.96 -22.95 6.36
N PHE A 69 10.57 -23.93 5.69
CA PHE A 69 11.52 -23.62 4.63
C PHE A 69 11.51 -24.73 3.58
N SER A 70 11.86 -24.36 2.35
CA SER A 70 12.03 -25.32 1.27
C SER A 70 12.98 -24.75 0.25
N THR A 71 13.72 -25.63 -0.42
CA THR A 71 14.66 -25.23 -1.48
C THR A 71 14.49 -26.16 -2.67
N ASP A 72 14.13 -25.61 -3.82
CA ASP A 72 14.07 -26.44 -5.01
C ASP A 72 15.46 -26.59 -5.62
N ASN A 73 15.63 -27.63 -6.44
CA ASN A 73 16.82 -27.84 -7.27
C ASN A 73 18.07 -28.16 -6.44
N LEU A 74 17.91 -28.79 -5.28
CA LEU A 74 19.07 -29.16 -4.46
C LEU A 74 19.88 -30.26 -5.13
N GLY A 75 21.20 -30.17 -4.95
CA GLY A 75 22.09 -31.26 -5.35
C GLY A 75 22.38 -31.36 -6.83
N LEU A 76 22.21 -30.28 -7.58
CA LEU A 76 22.34 -30.28 -9.02
C LEU A 76 23.45 -29.33 -9.47
N PRO A 77 24.22 -29.69 -10.49
CA PRO A 77 25.34 -28.83 -10.91
C PRO A 77 24.84 -27.48 -11.41
N GLY A 78 25.53 -26.43 -10.99
CA GLY A 78 25.18 -25.09 -11.45
C GLY A 78 23.93 -24.50 -10.83
N ASN A 79 23.45 -25.07 -9.72
CA ASN A 79 22.22 -24.57 -9.11
C ASN A 79 22.44 -23.35 -8.22
N ALA A 80 23.70 -22.97 -7.94
CA ALA A 80 23.98 -21.87 -7.01
C ALA A 80 25.23 -21.10 -7.47
N THR A 81 25.09 -20.37 -8.58
CA THR A 81 26.13 -19.52 -9.09
C THR A 81 25.80 -18.06 -8.81
N VAL A 82 26.83 -17.23 -8.77
CA VAL A 82 26.70 -15.77 -8.46
C VAL A 82 25.74 -15.17 -9.48
N GLN A 83 25.77 -15.70 -10.70
CA GLN A 83 24.89 -15.19 -11.79
C GLN A 83 23.42 -15.61 -11.55
N ASN A 84 23.21 -16.87 -11.14
CA ASN A 84 21.87 -17.42 -10.89
C ASN A 84 21.84 -18.08 -9.53
N PRO A 85 21.54 -17.34 -8.47
CA PRO A 85 21.69 -17.93 -7.12
C PRO A 85 20.64 -18.99 -6.83
N LEU A 86 20.98 -19.89 -5.91
CA LEU A 86 20.00 -20.76 -5.32
C LEU A 86 19.13 -19.96 -4.36
N ARG A 87 17.84 -20.27 -4.32
CA ARG A 87 16.92 -19.54 -3.44
C ARG A 87 16.23 -20.52 -2.51
N THR A 88 16.24 -20.18 -1.22
CA THR A 88 15.58 -20.94 -0.16
C THR A 88 14.37 -20.12 0.29
N LYS A 89 13.21 -20.71 0.20
CA LYS A 89 11.99 -20.01 0.64
C LYS A 89 11.78 -20.28 2.13
N ILE A 90 11.54 -19.20 2.85
CA ILE A 90 11.26 -19.23 4.31
C ILE A 90 9.85 -18.68 4.42
N PHE A 91 8.91 -19.52 4.85
CA PHE A 91 7.50 -19.13 4.79
C PHE A 91 6.71 -19.74 5.95
N GLY A 92 5.47 -19.33 6.04
CA GLY A 92 4.59 -19.86 7.06
C GLY A 92 3.42 -18.93 7.31
N THR A 93 2.67 -19.27 8.35
CA THR A 93 1.58 -18.45 8.83
C THR A 93 1.74 -18.30 10.34
N VAL A 94 1.70 -17.07 10.83
CA VAL A 94 2.00 -16.83 12.24
C VAL A 94 0.77 -17.16 13.07
N PRO A 95 0.91 -17.97 14.12
CA PRO A 95 -0.23 -18.24 15.00
C PRO A 95 -0.77 -16.97 15.65
N LEU A 96 -2.07 -16.98 15.94
CA LEU A 96 -2.72 -15.82 16.54
C LEU A 96 -2.19 -15.53 17.93
N ASN A 97 -1.67 -16.54 18.63
CA ASN A 97 -1.17 -16.39 20.00
C ASN A 97 0.35 -16.46 20.08
N GLU A 98 1.03 -16.26 18.95
CA GLU A 98 2.48 -16.30 18.91
C GLU A 98 3.09 -15.20 19.79
N GLY A 99 4.18 -15.52 20.47
CA GLY A 99 4.88 -14.53 21.27
C GLY A 99 5.43 -13.37 20.46
N ILE A 100 5.19 -12.15 20.92
CA ILE A 100 5.66 -10.94 20.24
C ILE A 100 7.11 -10.70 20.63
N GLY A 101 7.96 -10.46 19.63
CA GLY A 101 9.39 -10.32 19.86
C GLY A 101 10.16 -10.62 18.59
N TYR A 102 11.42 -11.02 18.75
CA TYR A 102 12.26 -11.28 17.60
C TYR A 102 13.18 -12.46 17.88
N TYR A 103 13.69 -13.06 16.79
CA TYR A 103 14.63 -14.17 16.85
C TYR A 103 15.70 -13.96 15.80
N THR A 104 16.88 -14.53 16.03
CA THR A 104 17.92 -14.62 15.02
C THR A 104 18.14 -16.09 14.71
N ARG A 105 18.10 -16.43 13.43
CA ARG A 105 18.17 -17.80 12.96
C ARG A 105 19.15 -17.87 11.80
N TYR A 106 19.40 -19.08 11.32
CA TYR A 106 20.52 -19.30 10.40
C TYR A 106 20.06 -20.11 9.19
N VAL A 107 20.53 -19.68 8.03
CA VAL A 107 20.39 -20.42 6.78
C VAL A 107 21.72 -21.08 6.50
N VAL A 108 21.73 -22.42 6.47
CA VAL A 108 22.98 -23.17 6.51
C VAL A 108 23.06 -24.10 5.30
N PRO A 109 23.68 -23.68 4.20
CA PRO A 109 23.84 -24.57 3.04
C PRO A 109 25.12 -25.38 3.10
N THR A 110 25.12 -26.49 2.36
CA THR A 110 26.30 -27.34 2.19
C THR A 110 26.56 -27.49 0.69
N ASP A 111 27.81 -27.27 0.27
CA ASP A 111 28.14 -27.37 -1.16
C ASP A 111 28.40 -28.83 -1.56
N SER A 112 28.88 -29.02 -2.78
CA SER A 112 29.14 -30.39 -3.30
C SER A 112 30.41 -31.03 -2.75
N ASN A 113 31.19 -30.31 -1.96
CA ASN A 113 32.50 -30.78 -1.47
C ASN A 113 32.51 -30.93 0.04
N GLY A 114 31.33 -30.90 0.64
CA GLY A 114 31.22 -31.09 2.09
C GLY A 114 31.48 -29.82 2.86
N ASN A 115 31.47 -28.69 2.19
CA ASN A 115 31.71 -27.42 2.92
C ASN A 115 30.37 -26.85 3.33
N THR A 116 30.23 -26.58 4.63
CA THR A 116 29.00 -26.04 5.23
C THR A 116 29.22 -24.64 5.80
N THR A 117 28.33 -23.74 5.42
CA THR A 117 28.42 -22.38 5.94
C THR A 117 28.40 -22.40 7.46
N ARG A 118 29.32 -21.65 8.06
CA ARG A 118 29.49 -21.66 9.50
C ARG A 118 28.53 -20.67 10.16
N MET A 119 27.78 -21.16 11.15
CA MET A 119 26.94 -20.28 11.95
C MET A 119 27.82 -19.49 12.91
N VAL A 120 27.73 -18.16 12.84
CA VAL A 120 28.51 -17.27 13.68
C VAL A 120 27.57 -16.26 14.32
N GLN A 121 27.47 -16.29 15.64
CA GLN A 121 26.59 -15.36 16.35
C GLN A 121 27.30 -14.02 16.49
N ASN A 122 27.02 -13.13 15.55
CA ASN A 122 27.62 -11.81 15.50
C ASN A 122 26.69 -10.94 14.67
N ASP A 123 26.40 -9.74 15.18
CA ASP A 123 25.46 -8.86 14.48
C ASP A 123 25.94 -8.49 13.08
N ASN A 124 27.25 -8.51 12.86
CA ASN A 124 27.77 -8.19 11.54
C ASN A 124 27.38 -9.23 10.50
N ARG A 125 26.91 -10.40 10.93
CA ARG A 125 26.40 -11.41 10.00
C ARG A 125 24.90 -11.27 9.72
N ASN A 126 24.19 -10.36 10.39
CA ASN A 126 22.76 -10.20 10.14
C ASN A 126 22.52 -9.76 8.70
N GLY A 127 21.56 -10.43 8.04
CA GLY A 127 21.33 -10.19 6.64
C GLY A 127 22.15 -11.04 5.71
N LEU A 128 23.12 -11.78 6.23
CA LEU A 128 23.84 -12.79 5.48
C LEU A 128 23.21 -14.14 5.79
N GLU A 129 24.02 -15.11 6.26
CA GLU A 129 23.46 -16.40 6.69
C GLU A 129 22.67 -16.29 7.99
N ARG A 130 22.85 -15.20 8.74
CA ARG A 130 22.10 -14.96 9.97
C ARG A 130 21.02 -13.92 9.68
N PHE A 131 19.80 -14.19 10.11
CA PHE A 131 18.71 -13.24 9.86
C PHE A 131 17.87 -13.02 11.12
N ILE A 132 17.33 -11.81 11.21
CA ILE A 132 16.39 -11.43 12.26
C ILE A 132 14.99 -11.59 11.71
N ILE A 133 14.11 -12.21 12.50
CA ILE A 133 12.69 -12.27 12.18
C ILE A 133 11.94 -11.69 13.36
N THR A 134 11.13 -10.65 13.10
CA THR A 134 10.38 -9.94 14.12
C THR A 134 8.90 -10.27 13.98
N ILE A 135 8.28 -10.70 15.06
CA ILE A 135 6.86 -11.05 15.08
C ILE A 135 6.09 -9.87 15.68
N LYS A 136 5.19 -9.28 14.90
CA LYS A 136 4.41 -8.14 15.34
C LYS A 136 2.94 -8.52 15.49
N THR A 137 2.21 -7.69 16.22
CA THR A 137 0.77 -7.90 16.34
C THR A 137 0.09 -7.60 15.00
N GLN A 138 -1.10 -8.19 14.84
CA GLN A 138 -1.77 -8.19 13.55
C GLN A 138 -2.19 -6.79 13.11
N ASN A 139 -2.53 -5.92 14.06
CA ASN A 139 -2.95 -4.57 13.70
C ASN A 139 -1.85 -3.79 12.99
N GLU A 140 -0.58 -4.16 13.19
CA GLU A 140 0.51 -3.42 12.57
C GLU A 140 0.56 -3.61 11.06
N LYS A 141 -0.11 -4.62 10.53
CA LYS A 141 -0.15 -4.86 9.09
C LYS A 141 -1.16 -3.95 8.37
N TYR A 142 -2.16 -3.44 9.09
CA TYR A 142 -3.22 -2.68 8.40
C TYR A 142 -3.29 -1.21 8.83
N ASN A 143 -3.94 -0.42 7.96
CA ASN A 143 -4.21 1.04 8.15
C ASN A 143 -5.68 1.26 7.77
N PRO A 144 -6.63 1.00 8.70
CA PRO A 144 -8.06 1.12 8.45
C PRO A 144 -8.49 2.43 7.74
N ALA A 145 -9.30 2.28 6.71
CA ALA A 145 -9.84 3.39 5.95
C ALA A 145 -11.11 3.93 6.63
N ASP A 146 -11.30 5.24 6.52
CA ASP A 146 -12.52 5.85 7.03
C ASP A 146 -13.74 5.31 6.29
N PRO A 147 -14.85 5.10 6.97
CA PRO A 147 -16.07 4.64 6.30
C PRO A 147 -16.83 5.82 5.71
N ALA A 148 -17.86 5.49 4.92
CA ALA A 148 -18.88 6.48 4.62
C ALA A 148 -19.52 6.92 5.92
N ILE A 149 -19.85 8.21 6.00
CA ILE A 149 -20.45 8.75 7.22
C ILE A 149 -21.80 8.10 7.47
N THR A 150 -22.06 7.75 8.74
CA THR A 150 -23.38 7.38 9.21
C THR A 150 -23.97 8.57 9.94
N TYR A 151 -25.17 8.99 9.53
CA TYR A 151 -25.82 10.16 10.12
C TYR A 151 -26.81 9.71 11.19
N VAL A 152 -26.66 10.24 12.39
CA VAL A 152 -27.34 9.69 13.56
C VAL A 152 -28.19 10.77 14.22
N ASN A 153 -29.22 10.32 14.94
N ASN A 153 -29.22 10.33 14.94
CA ASN A 153 -30.12 11.24 15.62
CA ASN A 153 -30.10 11.29 15.59
C ASN A 153 -29.45 11.92 16.80
C ASN A 153 -29.45 11.92 16.81
N GLN A 154 -28.54 11.22 17.47
CA GLN A 154 -27.93 11.74 18.70
C GLN A 154 -26.49 11.24 18.76
N LEU A 155 -25.54 12.15 18.62
CA LEU A 155 -24.12 11.78 18.58
C LEU A 155 -23.64 11.20 19.91
N SER A 156 -24.38 11.43 20.99
CA SER A 156 -24.01 10.90 22.31
C SER A 156 -24.61 9.53 22.59
N ASN A 157 -25.55 9.08 21.76
CA ASN A 157 -26.25 7.83 22.02
C ASN A 157 -26.74 7.21 20.71
N LEU A 158 -25.86 6.53 20.01
CA LEU A 158 -26.27 5.80 18.81
C LEU A 158 -27.20 4.65 19.20
N SER A 159 -28.25 4.46 18.41
CA SER A 159 -29.10 3.29 18.58
C SER A 159 -28.38 2.05 18.05
N GLN A 160 -28.92 0.88 18.38
CA GLN A 160 -28.35 -0.37 17.90
C GLN A 160 -28.28 -0.39 16.37
N ALA A 161 -29.35 0.06 15.70
CA ALA A 161 -29.35 0.04 14.25
C ALA A 161 -28.31 1.01 13.68
N GLU A 162 -28.08 2.14 14.35
CA GLU A 162 -27.04 3.05 13.91
C GLU A 162 -25.66 2.45 14.10
N ARG A 163 -25.46 1.76 15.23
CA ARG A 163 -24.17 1.08 15.51
C ARG A 163 -23.97 -0.01 14.45
N ASP A 164 -25.07 -0.68 14.07
CA ASP A 164 -25.06 -1.73 13.03
C ASP A 164 -24.72 -1.12 11.66
N ALA A 165 -25.21 0.09 11.38
CA ALA A 165 -24.90 0.70 10.07
C ALA A 165 -23.44 1.17 10.00
N VAL A 166 -22.92 1.72 11.08
CA VAL A 166 -21.52 2.12 11.09
C VAL A 166 -20.63 0.92 10.81
N ALA A 167 -20.86 -0.19 11.51
CA ALA A 167 -20.00 -1.35 11.33
C ALA A 167 -20.04 -1.84 9.90
N ALA A 168 -21.23 -1.86 9.29
CA ALA A 168 -21.32 -2.24 7.88
C ALA A 168 -20.56 -1.26 6.99
N ALA A 169 -20.62 0.03 7.30
CA ALA A 169 -19.89 1.02 6.50
C ALA A 169 -18.39 0.83 6.66
N VAL A 170 -17.93 0.55 7.87
CA VAL A 170 -16.50 0.30 8.08
C VAL A 170 -16.06 -0.94 7.29
N ARG A 171 -16.89 -1.99 7.34
CA ARG A 171 -16.60 -3.24 6.60
C ARG A 171 -16.49 -2.94 5.10
N THR A 172 -17.47 -2.20 4.55
CA THR A 172 -17.48 -1.86 3.14
C THR A 172 -16.23 -1.08 2.74
N ALA A 173 -15.79 -0.16 3.60
CA ALA A 173 -14.61 0.64 3.30
C ALA A 173 -13.31 -0.11 3.54
N ASN A 174 -13.34 -1.30 4.12
CA ASN A 174 -12.12 -2.03 4.48
C ASN A 174 -12.23 -3.50 4.07
N PRO A 175 -12.27 -3.76 2.76
CA PRO A 175 -12.26 -5.17 2.31
C PRO A 175 -10.93 -5.86 2.55
N GLN A 176 -9.86 -5.11 2.81
CA GLN A 176 -8.53 -5.69 2.96
C GLN A 176 -8.27 -6.22 4.37
N ILE A 177 -9.06 -5.83 5.37
CA ILE A 177 -8.84 -6.35 6.72
C ILE A 177 -9.42 -7.75 6.77
N PRO A 178 -8.95 -8.60 7.69
CA PRO A 178 -9.42 -9.98 7.73
C PRO A 178 -10.94 -10.04 7.91
N ALA A 179 -11.55 -11.03 7.25
CA ALA A 179 -12.98 -11.25 7.45
C ALA A 179 -13.30 -11.54 8.91
N ALA A 180 -12.37 -12.18 9.63
CA ALA A 180 -12.57 -12.52 11.04
C ALA A 180 -12.27 -11.36 11.98
N ALA A 181 -11.81 -10.22 11.46
CA ALA A 181 -11.67 -9.03 12.29
C ALA A 181 -13.04 -8.53 12.68
N ARG A 182 -13.19 -8.12 13.94
CA ARG A 182 -14.47 -7.69 14.47
C ARG A 182 -14.54 -6.18 14.55
N ILE A 183 -15.70 -5.63 14.20
CA ILE A 183 -15.93 -4.19 14.21
C ILE A 183 -16.99 -3.90 15.26
N THR A 184 -16.62 -3.13 16.29
CA THR A 184 -17.58 -2.74 17.33
C THR A 184 -17.66 -1.22 17.36
N VAL A 185 -18.86 -0.71 17.66
CA VAL A 185 -19.15 0.71 17.63
C VAL A 185 -19.71 1.13 18.98
N SER A 186 -19.11 2.15 19.57
CA SER A 186 -19.56 2.63 20.87
C SER A 186 -20.76 3.55 20.72
N ALA A 187 -21.25 4.03 21.86
CA ALA A 187 -22.45 4.85 21.90
C ALA A 187 -22.24 6.23 21.27
N ASN A 188 -20.99 6.69 21.15
CA ASN A 188 -20.71 7.95 20.49
C ASN A 188 -20.10 7.76 19.10
N GLY A 189 -20.17 6.55 18.55
CA GLY A 189 -19.70 6.32 17.21
C GLY A 189 -18.22 6.01 17.07
N THR A 190 -17.50 5.88 18.18
CA THR A 190 -16.10 5.45 18.11
C THR A 190 -16.05 3.99 17.67
N VAL A 191 -15.20 3.70 16.69
CA VAL A 191 -15.08 2.37 16.09
C VAL A 191 -13.85 1.67 16.65
N THR A 192 -14.02 0.43 17.08
CA THR A 192 -12.90 -0.43 17.45
C THR A 192 -12.85 -1.60 16.48
N ILE A 193 -11.70 -1.80 15.86
CA ILE A 193 -11.44 -2.99 15.05
C ILE A 193 -10.60 -3.93 15.89
N THR A 194 -11.12 -5.13 16.15
CA THR A 194 -10.39 -6.15 16.91
C THR A 194 -9.97 -7.23 15.93
N TYR A 195 -8.68 -7.32 15.67
CA TYR A 195 -8.15 -8.29 14.73
C TYR A 195 -8.22 -9.70 15.33
N PRO A 196 -8.10 -10.74 14.51
CA PRO A 196 -8.16 -12.11 15.04
C PRO A 196 -7.17 -12.40 16.16
N ASP A 197 -6.03 -11.71 16.22
CA ASP A 197 -5.06 -11.96 17.28
C ASP A 197 -5.33 -11.13 18.54
N SER A 198 -6.44 -10.38 18.57
CA SER A 198 -6.97 -9.57 19.67
C SER A 198 -6.32 -8.19 19.75
N SER A 199 -5.31 -7.88 18.96
CA SER A 199 -4.86 -6.50 18.86
C SER A 199 -5.97 -5.65 18.21
N THR A 200 -5.87 -4.33 18.38
CA THR A 200 -6.94 -3.44 17.99
C THR A 200 -6.43 -2.22 17.24
N ASP A 201 -7.32 -1.63 16.46
CA ASP A 201 -7.20 -0.32 15.85
C ASP A 201 -8.48 0.45 16.18
N THR A 202 -8.41 1.78 16.13
CA THR A 202 -9.58 2.60 16.39
CA THR A 202 -9.56 2.63 16.41
C THR A 202 -9.75 3.63 15.27
N ILE A 203 -10.99 3.90 14.92
CA ILE A 203 -11.33 5.01 14.04
C ILE A 203 -12.11 6.01 14.87
N PRO A 204 -11.61 7.25 15.02
CA PRO A 204 -12.28 8.20 15.90
C PRO A 204 -13.62 8.65 15.34
N ALA A 205 -14.52 9.01 16.26
CA ALA A 205 -15.92 9.26 15.89
C ALA A 205 -16.08 10.36 14.85
N ASP A 206 -15.18 11.36 14.84
CA ASP A 206 -15.37 12.47 13.92
C ASP A 206 -15.25 12.04 12.46
N ARG A 207 -14.64 10.89 12.19
CA ARG A 207 -14.55 10.37 10.83
C ARG A 207 -15.58 9.29 10.56
N VAL A 208 -16.56 9.12 11.45
CA VAL A 208 -17.47 7.99 11.39
C VAL A 208 -18.92 8.44 11.38
N VAL A 209 -19.28 9.37 12.28
CA VAL A 209 -20.67 9.75 12.47
C VAL A 209 -20.81 11.27 12.37
N LYS A 210 -22.01 11.69 11.94
CA LYS A 210 -22.42 13.09 11.98
C LYS A 210 -23.87 13.16 12.42
N ASP A 211 -24.29 14.32 12.85
CA ASP A 211 -25.69 14.54 13.28
C ASP A 211 -26.62 14.53 12.06
N LEU A 212 -27.77 13.86 12.17
CA LEU A 212 -28.72 13.74 11.03
C LEU A 212 -29.56 15.02 10.92
N ALA A 213 -29.50 15.68 9.77
CA ALA A 213 -30.29 16.89 9.54
C ALA A 213 -31.69 16.50 9.06
N SER A 214 -32.64 17.39 9.29
CA SER A 214 -33.98 17.08 8.79
C SER A 214 -33.98 17.16 7.26
N ALA B 7 20.48 -23.94 -14.81
CA ALA B 7 20.10 -22.53 -14.93
C ALA B 7 19.18 -22.29 -16.13
N ASN B 8 19.43 -23.05 -17.20
CA ASN B 8 18.70 -22.86 -18.45
C ASN B 8 17.25 -23.32 -18.37
N ALA B 9 16.90 -24.14 -17.39
CA ALA B 9 15.53 -24.64 -17.27
C ALA B 9 14.71 -23.94 -16.21
N VAL B 10 15.34 -23.33 -15.22
CA VAL B 10 14.63 -22.71 -14.12
C VAL B 10 14.32 -21.26 -14.45
N ASP B 11 13.34 -20.71 -13.74
CA ASP B 11 12.92 -19.33 -13.94
C ASP B 11 13.90 -18.40 -13.21
N THR B 12 14.69 -17.64 -13.97
CA THR B 12 15.60 -16.66 -13.41
C THR B 12 15.26 -15.24 -13.83
N GLU B 13 14.09 -15.02 -14.41
CA GLU B 13 13.69 -13.73 -14.95
C GLU B 13 12.68 -13.07 -14.02
N ALA B 14 12.92 -11.81 -13.69
CA ALA B 14 12.06 -11.04 -12.81
C ALA B 14 10.78 -10.61 -13.52
N PRO B 15 9.72 -10.32 -12.77
CA PRO B 15 8.49 -9.79 -13.38
C PRO B 15 8.75 -8.44 -14.05
N GLN B 16 7.85 -8.11 -14.98
CA GLN B 16 7.94 -6.85 -15.71
C GLN B 16 6.72 -6.02 -15.41
N VAL B 17 6.91 -4.70 -15.31
CA VAL B 17 5.87 -3.78 -14.88
C VAL B 17 5.62 -2.74 -15.96
N LYS B 18 4.35 -2.34 -16.11
CA LYS B 18 3.97 -1.16 -16.88
C LYS B 18 3.18 -0.22 -15.97
N THR B 19 3.58 1.05 -15.94
CA THR B 19 2.89 2.10 -15.19
C THR B 19 2.50 3.23 -16.14
N GLY B 20 1.55 4.07 -15.72
CA GLY B 20 0.99 5.09 -16.56
C GLY B 20 1.31 6.50 -16.09
N ASP B 21 0.47 7.45 -16.54
CA ASP B 21 0.61 8.86 -16.18
C ASP B 21 -0.23 9.13 -14.94
N TYR B 22 0.43 9.41 -13.81
CA TYR B 22 -0.23 9.48 -12.51
C TYR B 22 -0.22 10.92 -12.01
N VAL B 23 -1.38 11.57 -12.03
CA VAL B 23 -1.54 12.93 -11.53
C VAL B 23 -2.61 12.91 -10.44
N VAL B 24 -2.28 13.50 -9.28
CA VAL B 24 -3.22 13.56 -8.17
C VAL B 24 -3.39 15.02 -7.77
N TYR B 25 -4.48 15.29 -7.04
CA TYR B 25 -4.89 16.65 -6.72
C TYR B 25 -5.20 16.75 -5.25
N ARG B 26 -4.71 17.83 -4.62
CA ARG B 26 -4.98 18.04 -3.21
C ARG B 26 -6.47 18.02 -2.92
N GLY B 27 -6.84 17.35 -1.85
CA GLY B 27 -8.22 17.20 -1.45
C GLY B 27 -9.04 16.20 -2.23
N GLU B 28 -8.41 15.38 -3.07
CA GLU B 28 -9.14 14.51 -3.98
C GLU B 28 -8.63 13.08 -3.87
N SER B 29 -9.53 12.14 -4.06
N SER B 29 -9.53 12.13 -4.07
CA SER B 29 -9.15 10.74 -4.14
CA SER B 29 -9.16 10.73 -4.15
C SER B 29 -8.65 10.41 -5.55
C SER B 29 -8.69 10.38 -5.56
N PHE B 30 -7.85 9.35 -5.64
CA PHE B 30 -7.31 8.90 -6.91
C PHE B 30 -7.21 7.37 -6.91
N GLU B 31 -7.20 6.80 -8.11
CA GLU B 31 -7.12 5.35 -8.26
C GLU B 31 -6.41 5.06 -9.57
N PHE B 32 -5.21 4.49 -9.49
CA PHE B 32 -4.43 4.10 -10.64
C PHE B 32 -4.15 2.61 -10.59
N TYR B 33 -3.73 2.08 -11.73
CA TYR B 33 -3.36 0.66 -11.79
C TYR B 33 -2.00 0.51 -12.47
N ALA B 34 -1.24 -0.47 -12.02
CA ALA B 34 0.03 -0.91 -12.62
C ALA B 34 -0.23 -2.32 -13.15
N GLU B 35 0.33 -2.63 -14.32
CA GLU B 35 0.16 -3.97 -14.97
C GLU B 35 1.47 -4.75 -14.78
N ILE B 36 1.37 -6.00 -14.31
CA ILE B 36 2.57 -6.83 -14.07
C ILE B 36 2.42 -8.18 -14.74
N THR B 37 3.50 -8.64 -15.34
CA THR B 37 3.50 -9.95 -15.96
C THR B 37 4.79 -10.66 -15.56
N ASP B 38 4.75 -11.97 -15.60
CA ASP B 38 5.99 -12.74 -15.36
C ASP B 38 6.04 -13.89 -16.36
N ASN B 39 7.23 -14.22 -16.84
CA ASN B 39 7.43 -15.34 -17.77
C ASN B 39 6.80 -16.63 -17.24
N SER B 40 6.81 -16.81 -15.93
CA SER B 40 6.18 -17.99 -15.33
C SER B 40 4.67 -17.91 -15.28
N GLY B 41 4.10 -16.72 -15.51
CA GLY B 41 2.68 -16.52 -15.37
C GLY B 41 2.18 -16.30 -13.96
N GLN B 42 3.06 -16.30 -12.95
CA GLN B 42 2.62 -16.17 -11.56
C GLN B 42 3.47 -15.17 -10.79
N VAL B 43 2.82 -14.28 -10.06
CA VAL B 43 3.46 -13.32 -9.18
C VAL B 43 2.90 -13.51 -7.77
N ASN B 44 3.80 -13.52 -6.78
CA ASN B 44 3.42 -13.81 -5.40
C ASN B 44 3.32 -12.58 -4.52
N ASP B 45 3.97 -11.47 -4.88
CA ASP B 45 3.87 -10.26 -4.08
C ASP B 45 4.18 -9.06 -4.96
N VAL B 46 3.60 -7.92 -4.58
CA VAL B 46 3.91 -6.63 -5.17
C VAL B 46 4.04 -5.61 -4.04
N VAL B 47 5.15 -4.88 -4.03
CA VAL B 47 5.39 -3.80 -3.08
C VAL B 47 5.63 -2.51 -3.86
N VAL B 48 4.91 -1.46 -3.52
CA VAL B 48 5.19 -0.12 -4.02
C VAL B 48 6.00 0.61 -2.94
N ARG B 49 7.14 1.18 -3.33
CA ARG B 49 8.10 1.63 -2.33
C ARG B 49 9.00 2.73 -2.88
N ASN B 50 9.54 3.52 -1.95
CA ASN B 50 10.74 4.32 -2.18
C ASN B 50 11.92 3.40 -2.45
N VAL B 51 12.92 3.93 -3.17
CA VAL B 51 14.11 3.10 -3.39
C VAL B 51 14.89 2.93 -2.10
N GLU B 52 15.04 4.00 -1.32
CA GLU B 52 15.80 3.93 -0.08
C GLU B 52 14.95 3.30 1.03
N LEU B 53 15.61 2.61 1.95
CA LEU B 53 14.89 2.08 3.10
C LEU B 53 14.55 3.20 4.07
N ASP B 54 13.57 2.90 4.93
CA ASP B 54 13.16 3.84 5.97
C ASP B 54 14.29 3.99 7.00
N LYS B 55 14.70 5.23 7.22
CA LYS B 55 15.77 5.52 8.20
C LYS B 55 15.41 5.02 9.59
N LYS B 56 14.14 5.11 9.96
CA LYS B 56 13.74 4.77 11.33
C LYS B 56 13.70 3.27 11.57
N THR B 57 13.40 2.47 10.54
CA THR B 57 13.15 1.04 10.73
C THR B 57 14.01 0.12 9.88
N SER B 58 14.74 0.63 8.88
CA SER B 58 15.50 -0.18 7.93
C SER B 58 14.60 -1.18 7.20
N GLN B 59 13.33 -0.84 7.01
CA GLN B 59 12.38 -1.59 6.21
C GLN B 59 11.95 -0.76 5.01
N PRO B 60 11.44 -1.39 3.96
CA PRO B 60 10.90 -0.60 2.84
C PRO B 60 9.71 0.24 3.31
N TYR B 61 9.53 1.38 2.66
CA TYR B 61 8.40 2.24 2.98
C TYR B 61 8.02 3.00 1.72
N LEU B 62 6.92 3.74 1.83
CA LEU B 62 6.38 4.51 0.70
C LEU B 62 5.92 5.86 1.23
N THR B 63 6.56 6.91 0.75
CA THR B 63 6.17 8.27 1.08
C THR B 63 5.83 9.03 -0.20
N PRO B 64 4.96 10.05 -0.12
CA PRO B 64 4.20 10.47 1.07
C PRO B 64 3.22 9.38 1.53
N GLY B 65 2.82 9.46 2.81
CA GLY B 65 2.04 8.38 3.42
C GLY B 65 0.64 8.24 2.86
N PHE B 66 0.14 9.22 2.10
CA PHE B 66 -1.19 9.08 1.54
C PHE B 66 -1.24 8.09 0.38
N ILE B 67 -0.11 7.70 -0.18
CA ILE B 67 -0.12 6.72 -1.27
C ILE B 67 -0.30 5.33 -0.68
N LYS B 68 -1.33 4.63 -1.13
CA LYS B 68 -1.64 3.27 -0.71
C LYS B 68 -1.60 2.35 -1.94
N PHE B 69 -1.49 1.05 -1.68
CA PHE B 69 -1.49 0.09 -2.78
C PHE B 69 -2.02 -1.26 -2.29
N SER B 70 -2.59 -2.02 -3.23
CA SER B 70 -3.10 -3.35 -2.96
C SER B 70 -3.12 -4.13 -4.26
N THR B 71 -3.02 -5.46 -4.16
CA THR B 71 -3.02 -6.32 -5.33
C THR B 71 -3.91 -7.53 -5.07
N ASP B 72 -4.93 -7.71 -5.91
CA ASP B 72 -5.78 -8.88 -5.82
C ASP B 72 -5.13 -10.05 -6.55
N ASN B 73 -5.52 -11.26 -6.13
CA ASN B 73 -5.22 -12.48 -6.88
C ASN B 73 -3.75 -12.88 -6.81
N LEU B 74 -3.03 -12.51 -5.75
CA LEU B 74 -1.63 -12.88 -5.64
C LEU B 74 -1.47 -14.38 -5.39
N GLY B 75 -0.33 -14.92 -5.84
CA GLY B 75 0.07 -16.27 -5.49
C GLY B 75 -0.69 -17.38 -6.18
N LEU B 76 -1.21 -17.13 -7.38
CA LEU B 76 -2.01 -18.11 -8.09
C LEU B 76 -1.48 -18.31 -9.50
N PRO B 77 -1.49 -19.55 -10.01
CA PRO B 77 -1.01 -19.78 -11.38
C PRO B 77 -1.80 -18.97 -12.40
N GLY B 78 -1.07 -18.42 -13.37
CA GLY B 78 -1.70 -17.64 -14.42
C GLY B 78 -2.28 -16.31 -13.97
N ASN B 79 -1.84 -15.78 -12.83
CA ASN B 79 -2.36 -14.50 -12.38
C ASN B 79 -1.63 -13.31 -13.00
N ALA B 80 -0.61 -13.57 -13.83
CA ALA B 80 0.24 -12.50 -14.35
C ALA B 80 0.77 -12.89 -15.72
N THR B 81 -0.13 -13.14 -16.66
CA THR B 81 0.24 -13.44 -18.04
C THR B 81 0.15 -12.19 -18.89
N VAL B 82 0.76 -12.25 -20.08
CA VAL B 82 0.64 -11.14 -21.03
C VAL B 82 -0.82 -10.90 -21.38
N GLN B 83 -1.59 -11.97 -21.58
CA GLN B 83 -2.99 -11.85 -21.97
C GLN B 83 -3.88 -11.42 -20.81
N ASN B 84 -3.44 -11.66 -19.58
CA ASN B 84 -4.27 -11.47 -18.38
C ASN B 84 -3.36 -10.92 -17.28
N PRO B 85 -2.91 -9.68 -17.39
CA PRO B 85 -1.88 -9.18 -16.47
C PRO B 85 -2.41 -8.97 -15.07
N LEU B 86 -1.49 -9.08 -14.11
CA LEU B 86 -1.79 -8.74 -12.72
C LEU B 86 -1.93 -7.22 -12.58
N ARG B 87 -2.95 -6.79 -11.84
CA ARG B 87 -3.22 -5.37 -11.64
C ARG B 87 -2.95 -5.00 -10.19
N THR B 88 -2.07 -4.03 -9.99
CA THR B 88 -1.82 -3.48 -8.67
C THR B 88 -2.47 -2.10 -8.59
N LYS B 89 -3.37 -1.92 -7.64
CA LYS B 89 -4.05 -0.64 -7.46
C LYS B 89 -3.18 0.30 -6.63
N ILE B 90 -3.03 1.53 -7.10
CA ILE B 90 -2.35 2.59 -6.37
C ILE B 90 -3.37 3.70 -6.16
N PHE B 91 -3.62 4.04 -4.89
CA PHE B 91 -4.81 4.82 -4.57
C PHE B 91 -4.59 5.59 -3.27
N GLY B 92 -5.50 6.52 -3.01
CA GLY B 92 -5.48 7.27 -1.77
C GLY B 92 -6.26 8.56 -1.93
N THR B 93 -6.17 9.39 -0.90
CA THR B 93 -6.72 10.74 -0.93
C THR B 93 -5.64 11.71 -0.49
N VAL B 94 -5.48 12.78 -1.28
CA VAL B 94 -4.37 13.72 -1.07
C VAL B 94 -4.74 14.74 -0.01
N PRO B 95 -3.90 14.96 1.00
CA PRO B 95 -4.19 15.99 2.00
C PRO B 95 -4.27 17.38 1.38
N LEU B 96 -5.13 18.21 1.99
CA LEU B 96 -5.34 19.57 1.50
C LEU B 96 -4.07 20.41 1.53
N ASN B 97 -3.16 20.14 2.47
CA ASN B 97 -1.94 20.92 2.65
C ASN B 97 -0.71 20.19 2.13
N GLU B 98 -0.92 19.14 1.33
CA GLU B 98 0.22 18.35 0.77
C GLU B 98 1.11 19.22 -0.12
N GLY B 99 2.43 19.12 0.04
CA GLY B 99 3.37 19.88 -0.78
C GLY B 99 3.18 19.59 -2.26
N ILE B 100 3.11 20.65 -3.06
CA ILE B 100 3.00 20.52 -4.51
C ILE B 100 4.35 20.11 -5.08
N GLY B 101 4.34 19.12 -5.98
CA GLY B 101 5.59 18.64 -6.55
C GLY B 101 5.39 17.25 -7.14
N TYR B 102 6.50 16.52 -7.24
CA TYR B 102 6.43 15.17 -7.81
C TYR B 102 7.40 14.26 -7.09
N TYR B 103 7.12 12.96 -7.19
CA TYR B 103 7.93 11.91 -6.60
C TYR B 103 8.09 10.78 -7.61
N THR B 104 9.24 10.12 -7.57
CA THR B 104 9.46 8.92 -8.36
C THR B 104 9.57 7.72 -7.43
N ARG B 105 8.76 6.70 -7.69
CA ARG B 105 8.63 5.54 -6.82
C ARG B 105 8.70 4.29 -7.68
N TYR B 106 8.61 3.12 -7.04
CA TYR B 106 8.93 1.86 -7.69
C TYR B 106 7.87 0.81 -7.37
N VAL B 107 7.44 0.09 -8.41
CA VAL B 107 6.59 -1.09 -8.27
C VAL B 107 7.51 -2.31 -8.32
N VAL B 108 7.52 -3.10 -7.25
CA VAL B 108 8.52 -4.15 -7.09
C VAL B 108 7.84 -5.50 -6.86
N PRO B 109 7.58 -6.27 -7.91
CA PRO B 109 6.97 -7.60 -7.75
C PRO B 109 7.99 -8.71 -7.60
N THR B 110 7.53 -9.82 -7.02
CA THR B 110 8.32 -11.03 -6.85
C THR B 110 7.53 -12.20 -7.43
N ASP B 111 8.19 -13.04 -8.22
CA ASP B 111 7.48 -14.16 -8.82
C ASP B 111 7.51 -15.36 -7.89
N SER B 112 6.92 -16.47 -8.36
CA SER B 112 6.81 -17.68 -7.56
C SER B 112 8.15 -18.33 -7.24
N ASN B 113 9.24 -17.94 -7.92
CA ASN B 113 10.55 -18.52 -7.68
C ASN B 113 11.48 -17.61 -6.90
N GLY B 114 11.00 -16.48 -6.41
CA GLY B 114 11.81 -15.56 -5.66
C GLY B 114 12.53 -14.50 -6.45
N ASN B 115 12.29 -14.40 -7.77
CA ASN B 115 12.90 -13.35 -8.57
C ASN B 115 12.15 -12.05 -8.35
N THR B 116 12.88 -11.01 -7.95
CA THR B 116 12.30 -9.72 -7.63
C THR B 116 12.82 -8.67 -8.60
N THR B 117 11.91 -7.87 -9.15
CA THR B 117 12.27 -6.81 -10.08
C THR B 117 13.24 -5.83 -9.42
N ARG B 118 14.32 -5.50 -10.14
CA ARG B 118 15.34 -4.61 -9.60
C ARG B 118 14.87 -3.16 -9.68
N MET B 119 15.20 -2.38 -8.65
CA MET B 119 14.98 -0.94 -8.66
C MET B 119 16.23 -0.26 -9.23
N VAL B 120 16.04 0.56 -10.26
CA VAL B 120 17.13 1.25 -10.93
C VAL B 120 16.72 2.71 -11.08
N GLN B 121 17.46 3.60 -10.42
CA GLN B 121 17.21 5.04 -10.52
C GLN B 121 17.79 5.54 -11.84
N ASN B 122 16.95 5.53 -12.87
CA ASN B 122 17.30 5.99 -14.20
C ASN B 122 15.99 6.29 -14.93
N ASP B 123 15.95 7.45 -15.60
CA ASP B 123 14.73 7.86 -16.28
C ASP B 123 14.32 6.89 -17.40
N ASN B 124 15.25 6.07 -17.89
CA ASN B 124 14.87 5.11 -18.93
C ASN B 124 13.93 4.03 -18.41
N ARG B 125 13.81 3.88 -17.09
CA ARG B 125 12.87 2.95 -16.49
C ARG B 125 11.49 3.56 -16.24
N ASN B 126 11.33 4.87 -16.43
CA ASN B 126 10.03 5.52 -16.20
C ASN B 126 8.96 4.94 -17.12
N GLY B 127 7.79 4.67 -16.55
CA GLY B 127 6.72 4.04 -17.28
C GLY B 127 6.76 2.52 -17.23
N LEU B 128 7.84 1.94 -16.71
CA LEU B 128 7.92 0.52 -16.46
C LEU B 128 7.70 0.30 -14.96
N GLU B 129 8.68 -0.25 -14.25
CA GLU B 129 8.54 -0.40 -12.80
C GLU B 129 8.74 0.92 -12.05
N ARG B 130 9.36 1.91 -12.68
CA ARG B 130 9.57 3.23 -12.09
C ARG B 130 8.49 4.17 -12.60
N PHE B 131 7.89 4.95 -11.70
CA PHE B 131 6.81 5.84 -12.09
C PHE B 131 6.93 7.17 -11.35
N ILE B 132 6.44 8.22 -12.00
CA ILE B 132 6.33 9.54 -11.41
C ILE B 132 4.90 9.73 -10.93
N ILE B 133 4.74 10.32 -9.74
CA ILE B 133 3.43 10.78 -9.30
C ILE B 133 3.54 12.27 -9.01
N THR B 134 2.67 13.05 -9.65
CA THR B 134 2.68 14.51 -9.56
C THR B 134 1.48 14.97 -8.75
N ILE B 135 1.73 15.86 -7.79
CA ILE B 135 0.71 16.41 -6.91
C ILE B 135 0.43 17.84 -7.36
N LYS B 136 -0.82 18.13 -7.71
CA LYS B 136 -1.19 19.44 -8.20
C LYS B 136 -2.23 20.07 -7.26
N THR B 137 -2.39 21.39 -7.40
CA THR B 137 -3.42 22.06 -6.63
C THR B 137 -4.81 21.62 -7.09
N GLN B 138 -5.78 21.77 -6.19
CA GLN B 138 -7.10 21.19 -6.40
C GLN B 138 -7.80 21.81 -7.61
N ASN B 139 -7.58 23.10 -7.86
CA ASN B 139 -8.26 23.77 -8.96
C ASN B 139 -7.90 23.15 -10.31
N GLU B 140 -6.73 22.51 -10.42
CA GLU B 140 -6.30 21.90 -11.67
C GLU B 140 -7.14 20.69 -12.06
N LYS B 141 -7.91 20.14 -11.13
CA LYS B 141 -8.76 18.99 -11.45
C LYS B 141 -10.00 19.40 -12.24
N TYR B 142 -10.39 20.67 -12.17
CA TYR B 142 -11.71 21.11 -12.60
C TYR B 142 -11.64 22.15 -13.72
N ASN B 143 -12.66 22.14 -14.58
CA ASN B 143 -12.88 23.15 -15.60
C ASN B 143 -14.29 23.70 -15.37
N PRO B 144 -14.43 24.76 -14.57
CA PRO B 144 -15.77 25.20 -14.16
C PRO B 144 -16.65 25.55 -15.35
N ALA B 145 -17.86 24.99 -15.35
CA ALA B 145 -18.83 25.24 -16.40
C ALA B 145 -19.59 26.54 -16.16
N ASP B 146 -20.11 27.11 -17.24
CA ASP B 146 -20.87 28.34 -17.14
C ASP B 146 -22.20 28.09 -16.44
N PRO B 147 -22.62 28.99 -15.55
CA PRO B 147 -23.94 28.86 -14.95
C PRO B 147 -25.03 29.29 -15.92
N ALA B 148 -26.26 28.91 -15.60
CA ALA B 148 -27.38 29.59 -16.22
C ALA B 148 -27.31 31.07 -15.90
N ILE B 149 -27.74 31.90 -16.85
CA ILE B 149 -27.65 33.34 -16.68
C ILE B 149 -28.54 33.80 -15.53
N THR B 150 -28.01 34.67 -14.69
CA THR B 150 -28.80 35.40 -13.69
C THR B 150 -29.06 36.81 -14.23
N TYR B 151 -30.32 37.23 -14.19
CA TYR B 151 -30.73 38.52 -14.74
C TYR B 151 -30.84 39.54 -13.62
N VAL B 152 -30.15 40.66 -13.78
CA VAL B 152 -29.98 41.61 -12.67
C VAL B 152 -30.51 42.98 -13.10
N ASN B 153 -30.74 43.82 -12.09
CA ASN B 153 -31.29 45.14 -12.37
C ASN B 153 -30.21 46.12 -12.82
N GLN B 154 -28.99 45.97 -12.32
CA GLN B 154 -27.89 46.89 -12.64
C GLN B 154 -26.61 46.10 -12.74
N LEU B 155 -26.06 45.99 -13.95
CA LEU B 155 -24.87 45.18 -14.19
C LEU B 155 -23.65 45.69 -13.44
N SER B 156 -23.64 46.97 -13.04
CA SER B 156 -22.51 47.50 -12.29
C SER B 156 -22.61 47.28 -10.79
N ASN B 157 -23.80 47.04 -10.26
CA ASN B 157 -24.00 46.96 -8.81
C ASN B 157 -25.05 45.87 -8.53
N LEU B 158 -24.57 44.63 -8.46
CA LEU B 158 -25.44 43.52 -8.09
C LEU B 158 -25.89 43.64 -6.65
N SER B 159 -27.17 43.37 -6.40
CA SER B 159 -27.65 43.26 -5.04
C SER B 159 -27.12 41.99 -4.38
N GLN B 160 -27.28 41.90 -3.06
CA GLN B 160 -26.86 40.69 -2.35
C GLN B 160 -27.69 39.49 -2.77
N ALA B 161 -28.99 39.69 -3.02
CA ALA B 161 -29.82 38.61 -3.52
C ALA B 161 -29.35 38.15 -4.89
N GLU B 162 -29.00 39.11 -5.75
CA GLU B 162 -28.50 38.81 -7.12
C GLU B 162 -27.21 38.01 -7.01
N ARG B 163 -26.30 38.44 -6.12
CA ARG B 163 -25.04 37.73 -5.93
C ARG B 163 -25.27 36.32 -5.41
N ASP B 164 -26.18 36.17 -4.44
CA ASP B 164 -26.54 34.83 -3.94
C ASP B 164 -27.12 33.96 -5.06
N ALA B 165 -27.92 34.56 -5.94
CA ALA B 165 -28.48 33.79 -7.05
C ALA B 165 -27.37 33.33 -8.00
N VAL B 166 -26.40 34.20 -8.26
CA VAL B 166 -25.27 33.82 -9.12
C VAL B 166 -24.52 32.63 -8.51
N ALA B 167 -24.22 32.70 -7.22
CA ALA B 167 -23.47 31.62 -6.57
C ALA B 167 -24.24 30.31 -6.64
N ALA B 168 -25.56 30.35 -6.45
CA ALA B 168 -26.37 29.14 -6.55
C ALA B 168 -26.35 28.58 -7.97
N ALA B 169 -26.42 29.45 -8.98
CA ALA B 169 -26.40 28.98 -10.36
C ALA B 169 -25.05 28.33 -10.70
N VAL B 170 -23.94 28.91 -10.21
CA VAL B 170 -22.64 28.30 -10.45
C VAL B 170 -22.56 26.95 -9.76
N ARG B 171 -23.13 26.85 -8.56
CA ARG B 171 -23.13 25.59 -7.78
C ARG B 171 -23.85 24.49 -8.56
N THR B 172 -25.04 24.81 -9.09
CA THR B 172 -25.86 23.85 -9.87
C THR B 172 -25.22 23.48 -11.20
N ALA B 173 -24.47 24.37 -11.81
CA ALA B 173 -23.84 24.02 -13.09
C ALA B 173 -22.56 23.20 -12.88
N ASN B 174 -22.11 23.09 -11.64
CA ASN B 174 -20.83 22.44 -11.38
C ASN B 174 -20.95 21.42 -10.25
N PRO B 175 -21.77 20.38 -10.44
CA PRO B 175 -21.93 19.38 -9.38
C PRO B 175 -20.66 18.60 -9.08
N GLN B 176 -19.67 18.63 -9.97
CA GLN B 176 -18.42 17.92 -9.75
C GLN B 176 -17.55 18.59 -8.68
N ILE B 177 -17.75 19.89 -8.46
CA ILE B 177 -16.90 20.66 -7.54
C ILE B 177 -17.25 20.27 -6.09
N PRO B 178 -16.26 20.14 -5.20
CA PRO B 178 -16.54 19.66 -3.83
C PRO B 178 -17.55 20.53 -3.10
N ALA B 179 -18.29 19.89 -2.18
CA ALA B 179 -19.23 20.63 -1.35
C ALA B 179 -18.52 21.70 -0.53
N ALA B 180 -17.28 21.43 -0.10
CA ALA B 180 -16.58 22.38 0.75
C ALA B 180 -16.01 23.57 -0.01
N ALA B 181 -16.10 23.59 -1.34
CA ALA B 181 -15.65 24.75 -2.09
C ALA B 181 -16.52 25.95 -1.77
N ARG B 182 -15.91 27.13 -1.75
CA ARG B 182 -16.63 28.37 -1.51
C ARG B 182 -16.80 29.11 -2.83
N ILE B 183 -18.00 29.61 -3.07
CA ILE B 183 -18.30 30.38 -4.28
C ILE B 183 -18.67 31.79 -3.85
N THR B 184 -17.90 32.78 -4.31
CA THR B 184 -18.16 34.18 -4.00
C THR B 184 -18.34 34.96 -5.31
N VAL B 185 -19.15 36.02 -5.23
CA VAL B 185 -19.54 36.80 -6.38
C VAL B 185 -19.33 38.28 -6.06
N SER B 186 -18.61 38.98 -6.94
CA SER B 186 -18.33 40.39 -6.74
C SER B 186 -19.49 41.24 -7.26
N ALA B 187 -19.31 42.55 -7.28
CA ALA B 187 -20.39 43.45 -7.64
C ALA B 187 -20.69 43.49 -9.13
N ASN B 188 -19.75 43.10 -9.99
CA ASN B 188 -20.00 43.05 -11.42
C ASN B 188 -20.37 41.66 -11.91
N GLY B 189 -20.47 40.68 -11.00
CA GLY B 189 -20.85 39.33 -11.36
C GLY B 189 -19.69 38.36 -11.48
N THR B 190 -18.45 38.83 -11.42
CA THR B 190 -17.31 37.91 -11.54
C THR B 190 -17.31 36.93 -10.38
N VAL B 191 -17.19 35.65 -10.71
CA VAL B 191 -17.31 34.57 -9.74
C VAL B 191 -15.91 34.09 -9.37
N THR B 192 -15.69 33.90 -8.07
CA THR B 192 -14.49 33.24 -7.56
C THR B 192 -14.87 31.95 -6.86
N ILE B 193 -14.29 30.84 -7.33
CA ILE B 193 -14.42 29.54 -6.67
C ILE B 193 -13.15 29.30 -5.87
N THR B 194 -13.28 29.13 -4.56
CA THR B 194 -12.14 28.81 -3.70
C THR B 194 -12.28 27.36 -3.26
N TYR B 195 -11.36 26.52 -3.72
CA TYR B 195 -11.39 25.10 -3.43
C TYR B 195 -10.93 24.83 -2.00
N PRO B 196 -11.27 23.65 -1.44
CA PRO B 196 -10.86 23.36 -0.06
C PRO B 196 -9.37 23.51 0.20
N ASP B 197 -8.52 23.36 -0.81
CA ASP B 197 -7.08 23.49 -0.63
C ASP B 197 -6.59 24.94 -0.80
N SER B 198 -7.51 25.89 -0.96
CA SER B 198 -7.30 27.34 -1.08
C SER B 198 -6.95 27.78 -2.51
N SER B 199 -6.77 26.87 -3.47
CA SER B 199 -6.60 27.30 -4.84
C SER B 199 -7.93 27.82 -5.39
N THR B 200 -7.86 28.55 -6.51
CA THR B 200 -9.02 29.27 -7.00
C THR B 200 -9.20 29.11 -8.50
N ASP B 201 -10.44 29.30 -8.93
CA ASP B 201 -10.83 29.48 -10.33
C ASP B 201 -11.71 30.72 -10.41
N THR B 202 -11.89 31.21 -11.64
CA THR B 202 -12.69 32.41 -11.90
C THR B 202 -13.58 32.18 -13.10
N ILE B 203 -14.83 32.62 -13.02
CA ILE B 203 -15.73 32.63 -14.16
C ILE B 203 -16.00 34.09 -14.52
N PRO B 204 -15.67 34.53 -15.73
CA PRO B 204 -15.92 35.92 -16.09
C PRO B 204 -17.41 36.23 -16.12
N ALA B 205 -17.72 37.49 -15.78
CA ALA B 205 -19.10 37.90 -15.57
C ALA B 205 -19.95 37.78 -16.83
N ASP B 206 -19.36 37.94 -18.01
CA ASP B 206 -20.17 37.91 -19.23
C ASP B 206 -20.78 36.55 -19.46
N ARG B 207 -20.31 35.57 -18.68
CA ARG B 207 -20.82 34.19 -18.82
C ARG B 207 -21.82 33.94 -17.69
N VAL B 208 -22.06 34.91 -16.82
CA VAL B 208 -22.92 34.71 -15.60
C VAL B 208 -24.11 35.70 -15.44
N VAL B 209 -24.01 36.96 -15.85
CA VAL B 209 -25.11 37.93 -15.60
C VAL B 209 -25.49 38.66 -16.87
N LYS B 210 -26.76 38.98 -16.95
CA LYS B 210 -27.29 39.83 -18.00
C LYS B 210 -28.23 40.87 -17.39
N ASP B 211 -28.46 41.93 -18.15
CA ASP B 211 -29.41 42.97 -17.73
C ASP B 211 -30.84 42.45 -17.86
N LEU B 212 -31.66 42.66 -16.84
CA LEU B 212 -33.02 42.15 -16.84
C LEU B 212 -33.91 43.06 -17.67
N ALA B 213 -34.50 42.50 -18.71
CA ALA B 213 -35.41 43.28 -19.54
C ALA B 213 -36.75 43.48 -18.81
N SER B 214 -37.36 44.64 -19.07
CA SER B 214 -38.69 44.91 -18.54
C SER B 214 -39.68 43.92 -19.13
#